data_7MLL
#
_entry.id   7MLL
#
_entity_poly.entity_id   1
_entity_poly.type   'polypeptide(L)'
_entity_poly.pdbx_seq_one_letter_code
;HGEGTFTSDLSKQMEEEAVRLFIEWLKNGGPSSGAPPPS(NH2)
;
_entity_poly.pdbx_strand_id   A
#
loop_
_chem_comp.id
_chem_comp.type
_chem_comp.name
_chem_comp.formula
NH2 non-polymer 'AMINO GROUP' 'H2 N'
#
# COMPACT_ATOMS: atom_id res chain seq x y z
N HIS A 1 -0.25 1.80 -5.25
CA HIS A 1 -0.18 1.27 -6.61
C HIS A 1 0.39 -0.14 -6.62
N GLY A 2 0.41 -0.75 -7.80
CA GLY A 2 0.96 -2.10 -7.95
C GLY A 2 2.18 -2.08 -8.88
N GLU A 3 2.45 -3.23 -9.50
CA GLU A 3 3.59 -3.34 -10.41
C GLU A 3 3.20 -2.95 -11.83
N GLY A 4 1.96 -3.26 -12.21
CA GLY A 4 1.52 -3.08 -13.58
C GLY A 4 1.97 -4.23 -14.46
N THR A 5 2.22 -5.38 -13.85
CA THR A 5 2.76 -6.54 -14.56
C THR A 5 1.74 -7.66 -14.64
N PHE A 6 0.49 -7.35 -14.32
CA PHE A 6 -0.56 -8.35 -14.30
C PHE A 6 -1.63 -8.05 -15.35
N THR A 7 -2.19 -9.11 -15.93
CA THR A 7 -3.23 -8.96 -16.94
C THR A 7 -4.60 -9.35 -16.40
N SER A 8 -4.60 -10.21 -15.37
CA SER A 8 -5.83 -10.62 -14.73
C SER A 8 -5.96 -10.03 -13.34
N ASP A 9 -7.06 -9.31 -13.11
CA ASP A 9 -7.30 -8.69 -11.81
C ASP A 9 -6.17 -7.76 -11.43
N LEU A 10 -5.69 -6.98 -12.38
CA LEU A 10 -4.58 -6.06 -12.14
C LEU A 10 -4.92 -5.04 -11.07
N SER A 11 -6.04 -4.36 -11.24
CA SER A 11 -6.44 -3.29 -10.33
C SER A 11 -6.67 -3.82 -8.93
N LYS A 12 -7.12 -5.07 -8.84
CA LYS A 12 -7.30 -5.74 -7.55
C LYS A 12 -5.97 -6.00 -6.87
N GLN A 13 -4.99 -6.44 -7.65
CA GLN A 13 -3.64 -6.66 -7.14
C GLN A 13 -2.99 -5.35 -6.73
N MET A 14 -3.26 -4.30 -7.50
CA MET A 14 -2.73 -2.97 -7.20
C MET A 14 -3.22 -2.49 -5.84
N GLU A 15 -4.48 -2.76 -5.54
CA GLU A 15 -5.05 -2.44 -4.23
C GLU A 15 -4.36 -3.21 -3.13
N GLU A 16 -4.09 -4.49 -3.38
CA GLU A 16 -3.40 -5.34 -2.42
C GLU A 16 -1.97 -4.88 -2.19
N GLU A 17 -1.33 -4.42 -3.26
CA GLU A 17 0.02 -3.88 -3.16
C GLU A 17 0.04 -2.56 -2.42
N ALA A 18 -1.00 -1.76 -2.62
CA ALA A 18 -1.15 -0.49 -1.92
C ALA A 18 -1.22 -0.71 -0.41
N VAL A 19 -1.95 -1.74 -0.01
CA VAL A 19 -2.03 -2.12 1.39
C VAL A 19 -0.66 -2.48 1.96
N ARG A 20 0.07 -3.30 1.21
CA ARG A 20 1.43 -3.68 1.60
C ARG A 20 2.32 -2.46 1.75
N LEU A 21 2.25 -1.56 0.77
CA LEU A 21 3.05 -0.35 0.79
C LEU A 21 2.73 0.51 2.01
N PHE A 22 1.44 0.60 2.34
CA PHE A 22 0.99 1.36 3.49
C PHE A 22 1.50 0.75 4.79
N ILE A 23 1.46 -0.58 4.87
CA ILE A 23 2.00 -1.28 6.02
C ILE A 23 3.48 -1.03 6.19
N GLU A 24 4.22 -1.12 5.09
CA GLU A 24 5.65 -0.83 5.10
C GLU A 24 5.93 0.63 5.44
N TRP A 25 5.07 1.51 4.95
CA TRP A 25 5.15 2.93 5.30
C TRP A 25 5.03 3.12 6.81
N LEU A 26 4.11 2.40 7.43
CA LEU A 26 3.97 2.42 8.88
C LEU A 26 5.21 1.83 9.56
N LYS A 27 5.77 0.78 8.96
CA LYS A 27 6.96 0.14 9.50
C LYS A 27 8.18 1.05 9.36
N ASN A 28 8.08 2.03 8.47
CA ASN A 28 9.16 2.99 8.27
C ASN A 28 8.95 4.24 9.14
N GLY A 29 8.03 4.13 10.09
CA GLY A 29 7.79 5.21 11.04
C GLY A 29 6.37 5.77 10.89
N GLY A 30 5.75 5.49 9.75
CA GLY A 30 4.40 5.97 9.48
C GLY A 30 4.35 7.50 9.48
N PRO A 31 3.39 8.05 10.21
CA PRO A 31 3.17 9.49 10.21
C PRO A 31 4.25 10.20 11.03
N SER A 32 4.99 9.44 11.82
CA SER A 32 6.06 10.00 12.65
C SER A 32 7.33 10.20 11.84
N SER A 33 7.35 9.63 10.63
CA SER A 33 8.49 9.79 9.75
C SER A 33 8.46 11.14 9.02
N GLY A 34 7.25 11.67 8.86
CA GLY A 34 7.07 12.95 8.17
C GLY A 34 6.76 12.74 6.71
N ALA A 35 6.88 11.50 6.25
CA ALA A 35 6.64 11.17 4.85
C ALA A 35 5.17 10.83 4.60
N PRO A 36 4.59 11.41 3.57
CA PRO A 36 3.21 11.12 3.18
C PRO A 36 3.03 9.63 2.91
N PRO A 37 1.84 9.11 3.21
CA PRO A 37 1.53 7.72 2.95
C PRO A 37 1.38 7.45 1.46
N PRO A 38 1.63 6.21 1.06
CA PRO A 38 1.55 5.82 -0.34
C PRO A 38 0.09 5.71 -0.79
N SER A 39 -0.12 5.84 -2.10
CA SER A 39 -1.47 5.73 -2.66
C SER A 39 -1.57 4.53 -3.59
N NH2 A 40 -1.49 4.79 -4.89
HN1 NH2 A 40 -1.55 4.07 -5.58
HN2 NH2 A 40 -1.36 5.74 -5.20
N HIS A 1 -7.26 4.07 -7.78
CA HIS A 1 -7.42 2.82 -7.06
C HIS A 1 -7.40 3.03 -5.56
N GLY A 2 -7.94 2.06 -4.81
CA GLY A 2 -8.02 2.17 -3.36
C GLY A 2 -9.47 2.23 -2.90
N GLU A 3 -10.39 1.98 -3.81
CA GLU A 3 -11.82 2.04 -3.50
C GLU A 3 -12.36 0.66 -3.15
N GLY A 4 -11.83 -0.36 -3.79
CA GLY A 4 -12.38 -1.70 -3.68
C GLY A 4 -13.60 -1.88 -4.58
N THR A 5 -13.67 -1.08 -5.63
CA THR A 5 -14.83 -1.09 -6.52
C THR A 5 -14.46 -1.64 -7.89
N PHE A 6 -13.34 -2.37 -7.95
CA PHE A 6 -12.82 -2.86 -9.22
C PHE A 6 -13.06 -4.36 -9.37
N THR A 7 -13.28 -4.79 -10.61
CA THR A 7 -13.51 -6.20 -10.89
C THR A 7 -12.30 -6.86 -11.54
N SER A 8 -11.46 -6.04 -12.17
CA SER A 8 -10.24 -6.53 -12.79
C SER A 8 -9.25 -7.03 -11.74
N ASP A 9 -8.69 -8.22 -11.98
CA ASP A 9 -7.76 -8.82 -11.05
C ASP A 9 -6.47 -8.01 -10.94
N LEU A 10 -6.11 -7.36 -12.05
CA LEU A 10 -4.98 -6.45 -12.05
C LEU A 10 -5.19 -5.30 -11.07
N SER A 11 -6.34 -4.65 -11.17
CA SER A 11 -6.70 -3.57 -10.26
C SER A 11 -6.72 -4.04 -8.82
N LYS A 12 -7.23 -5.25 -8.60
CA LYS A 12 -7.24 -5.86 -7.28
C LYS A 12 -5.83 -6.00 -6.72
N GLN A 13 -4.90 -6.43 -7.57
CA GLN A 13 -3.51 -6.58 -7.17
C GLN A 13 -2.87 -5.21 -6.89
N MET A 14 -3.23 -4.22 -7.70
CA MET A 14 -2.73 -2.86 -7.51
C MET A 14 -3.11 -2.32 -6.15
N GLU A 15 -4.36 -2.54 -5.75
CA GLU A 15 -4.84 -2.13 -4.44
C GLU A 15 -4.18 -2.93 -3.33
N GLU A 16 -3.93 -4.20 -3.60
CA GLU A 16 -3.23 -5.06 -2.64
C GLU A 16 -1.80 -4.58 -2.42
N GLU A 17 -1.15 -4.14 -3.50
CA GLU A 17 0.20 -3.60 -3.41
C GLU A 17 0.21 -2.28 -2.66
N ALA A 18 -0.81 -1.47 -2.86
CA ALA A 18 -0.95 -0.21 -2.14
C ALA A 18 -1.04 -0.43 -0.64
N VAL A 19 -1.80 -1.44 -0.24
CA VAL A 19 -1.90 -1.82 1.17
C VAL A 19 -0.57 -2.30 1.71
N ARG A 20 0.11 -3.15 0.94
CA ARG A 20 1.42 -3.66 1.33
C ARG A 20 2.40 -2.52 1.56
N LEU A 21 2.40 -1.55 0.63
CA LEU A 21 3.27 -0.38 0.76
C LEU A 21 2.93 0.43 1.99
N PHE A 22 1.64 0.57 2.26
CA PHE A 22 1.18 1.27 3.46
C PHE A 22 1.67 0.59 4.73
N ILE A 23 1.61 -0.74 4.73
CA ILE A 23 2.12 -1.53 5.85
C ILE A 23 3.62 -1.28 6.06
N GLU A 24 4.37 -1.25 4.97
CA GLU A 24 5.80 -0.97 5.02
C GLU A 24 6.07 0.46 5.46
N TRP A 25 5.17 1.37 5.06
CA TRP A 25 5.23 2.75 5.53
C TRP A 25 5.04 2.82 7.05
N LEU A 26 4.09 2.05 7.56
CA LEU A 26 3.85 1.97 8.99
C LEU A 26 5.08 1.47 9.73
N LYS A 27 5.78 0.53 9.11
CA LYS A 27 7.04 0.03 9.67
C LYS A 27 8.08 1.14 9.76
N ASN A 28 8.10 2.01 8.76
CA ASN A 28 9.01 3.15 8.74
C ASN A 28 8.64 4.16 9.81
N GLY A 29 7.33 4.38 9.99
CA GLY A 29 6.84 5.28 11.03
C GLY A 29 5.57 5.97 10.58
N GLY A 30 5.18 7.01 11.30
CA GLY A 30 3.97 7.77 10.99
C GLY A 30 4.29 9.00 10.15
N PRO A 31 3.33 9.90 10.05
CA PRO A 31 3.49 11.11 9.24
C PRO A 31 4.44 12.10 9.90
N SER A 32 4.68 11.90 11.19
CA SER A 32 5.61 12.75 11.94
C SER A 32 7.04 12.55 11.47
N SER A 33 7.29 11.46 10.75
CA SER A 33 8.60 11.19 10.19
C SER A 33 8.91 12.14 9.04
N GLY A 34 7.88 12.74 8.47
CA GLY A 34 8.03 13.60 7.31
C GLY A 34 7.61 12.90 6.03
N ALA A 35 7.56 11.57 6.08
CA ALA A 35 7.15 10.78 4.93
C ALA A 35 5.65 10.48 4.97
N PRO A 36 4.95 10.93 3.93
CA PRO A 36 3.51 10.70 3.84
C PRO A 36 3.22 9.26 3.42
N PRO A 37 2.02 8.78 3.74
CA PRO A 37 1.62 7.43 3.39
C PRO A 37 1.35 7.29 1.90
N PRO A 38 1.56 6.10 1.37
CA PRO A 38 1.30 5.82 -0.04
C PRO A 38 -0.13 6.19 -0.42
N SER A 39 -0.30 6.81 -1.57
CA SER A 39 -1.62 7.21 -2.05
C SER A 39 -1.59 7.54 -3.53
N NH2 A 40 -1.54 8.82 -3.85
HN1 NH2 A 40 -1.51 9.13 -4.80
HN2 NH2 A 40 -1.52 9.51 -3.11
N HIS A 1 -4.64 -8.46 0.40
CA HIS A 1 -4.22 -7.10 0.70
C HIS A 1 -2.97 -7.08 1.56
N GLY A 2 -1.81 -6.96 0.92
CA GLY A 2 -0.53 -6.96 1.63
C GLY A 2 0.43 -7.97 1.02
N GLU A 3 1.69 -7.89 1.43
CA GLU A 3 2.73 -8.78 0.89
C GLU A 3 2.38 -10.23 1.12
N GLY A 4 2.35 -11.01 0.04
CA GLY A 4 2.11 -12.45 0.13
C GLY A 4 0.65 -12.78 -0.15
N THR A 5 -0.19 -11.75 -0.22
CA THR A 5 -1.62 -11.94 -0.41
C THR A 5 -2.12 -11.11 -1.59
N PHE A 6 -1.85 -11.58 -2.80
CA PHE A 6 -2.27 -10.88 -4.01
C PHE A 6 -3.19 -11.75 -4.85
N THR A 7 -4.22 -11.14 -5.43
CA THR A 7 -5.11 -11.85 -6.34
C THR A 7 -4.61 -11.78 -7.77
N SER A 8 -5.24 -12.58 -8.64
CA SER A 8 -4.86 -12.61 -10.05
C SER A 8 -5.40 -11.39 -10.80
N ASP A 9 -6.43 -10.78 -10.23
CA ASP A 9 -7.00 -9.55 -10.80
C ASP A 9 -6.03 -8.39 -10.67
N LEU A 10 -5.56 -7.90 -11.80
CA LEU A 10 -4.51 -6.87 -11.82
C LEU A 10 -4.94 -5.63 -11.06
N SER A 11 -6.15 -5.16 -11.33
CA SER A 11 -6.64 -3.92 -10.74
C SER A 11 -6.76 -4.05 -9.22
N LYS A 12 -7.10 -5.24 -8.76
CA LYS A 12 -7.17 -5.53 -7.33
C LYS A 12 -5.78 -5.73 -6.74
N GLN A 13 -4.90 -6.33 -7.52
CA GLN A 13 -3.51 -6.53 -7.10
C GLN A 13 -2.83 -5.21 -6.79
N MET A 14 -3.09 -4.20 -7.62
CA MET A 14 -2.53 -2.88 -7.41
C MET A 14 -3.09 -2.24 -6.14
N GLU A 15 -4.38 -2.46 -5.89
CA GLU A 15 -5.00 -2.01 -4.65
C GLU A 15 -4.41 -2.74 -3.45
N GLU A 16 -4.16 -4.04 -3.62
CA GLU A 16 -3.57 -4.85 -2.57
C GLU A 16 -2.13 -4.43 -2.29
N GLU A 17 -1.44 -4.00 -3.34
CA GLU A 17 -0.08 -3.49 -3.20
C GLU A 17 -0.08 -2.14 -2.49
N ALA A 18 -1.08 -1.32 -2.78
CA ALA A 18 -1.26 -0.04 -2.09
C ALA A 18 -1.36 -0.24 -0.58
N VAL A 19 -2.05 -1.31 -0.18
CA VAL A 19 -2.12 -1.70 1.22
C VAL A 19 -0.75 -2.10 1.75
N ARG A 20 -0.03 -2.90 0.97
CA ARG A 20 1.34 -3.28 1.31
C ARG A 20 2.22 -2.06 1.53
N LEU A 21 2.08 -1.07 0.64
CA LEU A 21 2.86 0.17 0.75
C LEU A 21 2.50 0.93 2.02
N PHE A 22 1.22 0.92 2.37
CA PHE A 22 0.77 1.52 3.62
C PHE A 22 1.36 0.81 4.82
N ILE A 23 1.40 -0.51 4.76
CA ILE A 23 2.02 -1.31 5.81
C ILE A 23 3.50 -1.01 5.93
N GLU A 24 4.19 -0.93 4.79
CA GLU A 24 5.61 -0.61 4.77
C GLU A 24 5.87 0.78 5.31
N TRP A 25 4.98 1.71 4.99
CA TRP A 25 5.04 3.06 5.56
C TRP A 25 5.01 3.01 7.08
N LEU A 26 4.11 2.21 7.62
CA LEU A 26 4.02 2.01 9.07
C LEU A 26 5.28 1.33 9.61
N LYS A 27 5.77 0.35 8.86
CA LYS A 27 6.96 -0.39 9.27
C LYS A 27 8.16 0.53 9.45
N ASN A 28 8.22 1.57 8.62
CA ASN A 28 9.38 2.46 8.61
C ASN A 28 9.15 3.67 9.51
N GLY A 29 8.21 3.53 10.44
CA GLY A 29 8.01 4.53 11.48
C GLY A 29 6.63 5.16 11.39
N GLY A 30 5.95 4.92 10.28
CA GLY A 30 4.61 5.48 10.06
C GLY A 30 4.65 7.00 10.05
N PRO A 31 3.78 7.61 10.85
CA PRO A 31 3.71 9.06 10.93
C PRO A 31 5.07 9.66 11.27
N SER A 32 5.84 8.94 12.08
CA SER A 32 7.08 9.48 12.62
C SER A 32 8.19 9.46 11.57
N SER A 33 7.92 8.81 10.45
CA SER A 33 8.87 8.76 9.34
C SER A 33 8.94 10.11 8.63
N GLY A 34 7.90 10.90 8.76
CA GLY A 34 7.83 12.20 8.09
C GLY A 34 7.00 12.12 6.81
N ALA A 35 6.81 10.89 6.32
CA ALA A 35 6.03 10.68 5.10
C ALA A 35 4.54 10.61 5.40
N PRO A 36 3.73 11.11 4.48
CA PRO A 36 2.28 11.11 4.64
C PRO A 36 1.71 9.72 4.42
N PRO A 37 0.57 9.46 5.04
CA PRO A 37 -0.12 8.17 4.88
C PRO A 37 -0.41 7.89 3.42
N PRO A 38 0.16 6.80 2.91
CA PRO A 38 -0.09 6.38 1.53
C PRO A 38 -1.59 6.22 1.27
N SER A 39 -2.03 6.68 0.10
CA SER A 39 -3.43 6.59 -0.27
C SER A 39 -3.62 6.80 -1.78
N NH2 A 40 -4.01 8.01 -2.16
HN1 NH2 A 40 -4.15 8.24 -3.12
HN2 NH2 A 40 -4.16 8.72 -1.46
N HIS A 1 1.54 -9.67 1.55
CA HIS A 1 1.51 -9.36 0.13
C HIS A 1 2.86 -9.60 -0.52
N GLY A 2 3.18 -10.87 -0.76
CA GLY A 2 4.44 -11.24 -1.39
C GLY A 2 4.20 -11.92 -2.73
N GLU A 3 5.27 -12.42 -3.33
CA GLU A 3 5.19 -13.10 -4.62
C GLU A 3 4.33 -14.36 -4.52
N GLY A 4 3.29 -14.44 -5.33
CA GLY A 4 2.42 -15.61 -5.37
C GLY A 4 1.17 -15.39 -4.53
N THR A 5 1.16 -14.31 -3.76
CA THR A 5 0.03 -13.99 -2.91
C THR A 5 -0.87 -12.93 -3.55
N PHE A 6 -0.34 -12.24 -4.55
CA PHE A 6 -1.11 -11.26 -5.30
C PHE A 6 -2.10 -11.94 -6.24
N THR A 7 -3.25 -11.29 -6.43
CA THR A 7 -4.29 -11.82 -7.31
C THR A 7 -3.96 -11.53 -8.77
N SER A 8 -4.64 -12.25 -9.67
CA SER A 8 -4.41 -12.09 -11.10
C SER A 8 -5.14 -10.86 -11.64
N ASP A 9 -6.18 -10.43 -10.93
CA ASP A 9 -6.91 -9.22 -11.30
C ASP A 9 -6.09 -7.97 -10.98
N LEU A 10 -5.61 -7.31 -12.04
CA LEU A 10 -4.66 -6.21 -11.88
C LEU A 10 -5.25 -5.07 -11.05
N SER A 11 -6.55 -4.86 -11.20
CA SER A 11 -7.24 -3.79 -10.49
C SER A 11 -7.31 -4.08 -9.00
N LYS A 12 -7.22 -5.36 -8.64
CA LYS A 12 -7.16 -5.76 -7.24
C LYS A 12 -5.72 -5.82 -6.75
N GLN A 13 -4.80 -6.20 -7.63
CA GLN A 13 -3.38 -6.23 -7.30
C GLN A 13 -2.88 -4.85 -6.90
N MET A 14 -3.31 -3.84 -7.65
CA MET A 14 -2.94 -2.45 -7.33
C MET A 14 -3.36 -2.08 -5.91
N GLU A 15 -4.53 -2.55 -5.50
CA GLU A 15 -5.02 -2.32 -4.15
C GLU A 15 -4.20 -3.12 -3.13
N GLU A 16 -3.86 -4.35 -3.47
CA GLU A 16 -3.03 -5.18 -2.63
C GLU A 16 -1.65 -4.57 -2.43
N GLU A 17 -1.11 -3.98 -3.50
CA GLU A 17 0.17 -3.30 -3.42
C GLU A 17 0.09 -2.04 -2.57
N ALA A 18 -1.03 -1.34 -2.68
CA ALA A 18 -1.28 -0.16 -1.86
C ALA A 18 -1.29 -0.50 -0.37
N VAL A 19 -1.94 -1.62 -0.04
CA VAL A 19 -1.96 -2.11 1.33
C VAL A 19 -0.58 -2.54 1.79
N ARG A 20 0.15 -3.22 0.91
CA ARG A 20 1.53 -3.59 1.18
C ARG A 20 2.37 -2.36 1.54
N LEU A 21 2.28 -1.33 0.71
CA LEU A 21 3.03 -0.10 0.94
C LEU A 21 2.58 0.59 2.24
N PHE A 22 1.29 0.55 2.50
CA PHE A 22 0.75 1.09 3.74
C PHE A 22 1.40 0.44 4.95
N ILE A 23 1.43 -0.89 4.97
CA ILE A 23 2.01 -1.64 6.08
C ILE A 23 3.50 -1.36 6.21
N GLU A 24 4.22 -1.47 5.09
CA GLU A 24 5.66 -1.32 5.10
C GLU A 24 6.07 0.09 5.51
N TRP A 25 5.47 1.09 4.88
CA TRP A 25 5.81 2.47 5.14
C TRP A 25 5.45 2.87 6.57
N LEU A 26 4.30 2.38 7.04
CA LEU A 26 3.86 2.65 8.40
C LEU A 26 4.86 2.15 9.43
N LYS A 27 5.33 0.92 9.24
CA LYS A 27 6.31 0.32 10.13
C LYS A 27 7.64 1.08 10.07
N ASN A 28 7.90 1.71 8.94
CA ASN A 28 9.13 2.47 8.75
C ASN A 28 9.06 3.80 9.48
N GLY A 29 7.86 4.17 9.91
CA GLY A 29 7.65 5.43 10.60
C GLY A 29 6.58 6.27 9.91
N GLY A 30 6.06 5.76 8.80
CA GLY A 30 4.98 6.43 8.08
C GLY A 30 5.45 7.75 7.50
N PRO A 31 4.67 8.81 7.72
CA PRO A 31 5.00 10.13 7.20
C PRO A 31 6.37 10.57 7.68
N SER A 32 6.75 10.14 8.88
CA SER A 32 8.00 10.57 9.50
C SER A 32 9.21 9.97 8.80
N SER A 33 8.97 8.92 8.01
CA SER A 33 10.02 8.30 7.22
C SER A 33 10.11 8.93 5.84
N GLY A 34 9.21 9.87 5.56
CA GLY A 34 9.16 10.52 4.25
C GLY A 34 8.31 9.73 3.27
N ALA A 35 7.41 8.91 3.80
CA ALA A 35 6.56 8.08 2.97
C ALA A 35 5.22 7.80 3.64
N PRO A 36 4.35 8.81 3.66
CA PRO A 36 3.02 8.66 4.23
C PRO A 36 2.28 7.49 3.61
N PRO A 37 1.86 6.55 4.46
CA PRO A 37 1.10 5.39 4.00
C PRO A 37 -0.15 5.81 3.25
N PRO A 38 -0.46 5.10 2.16
CA PRO A 38 -1.65 5.38 1.36
C PRO A 38 -2.90 5.38 2.23
N SER A 39 -3.70 6.44 2.11
CA SER A 39 -4.93 6.56 2.89
C SER A 39 -5.84 7.63 2.29
N NH2 A 40 -5.83 8.81 2.90
HN1 NH2 A 40 -6.39 9.57 2.58
HN2 NH2 A 40 -5.23 8.94 3.69
N HIS A 1 -6.13 4.11 -5.88
CA HIS A 1 -7.49 3.71 -5.55
C HIS A 1 -7.55 3.04 -4.18
N GLY A 2 -8.66 3.24 -3.48
CA GLY A 2 -8.86 2.63 -2.17
C GLY A 2 -9.22 1.15 -2.29
N GLU A 3 -8.80 0.37 -1.31
CA GLU A 3 -9.03 -1.07 -1.33
C GLU A 3 -10.52 -1.39 -1.43
N GLY A 4 -10.89 -2.17 -2.44
CA GLY A 4 -12.27 -2.62 -2.60
C GLY A 4 -12.97 -1.86 -3.72
N THR A 5 -12.25 -0.94 -4.34
CA THR A 5 -12.79 -0.15 -5.44
C THR A 5 -12.25 -0.66 -6.78
N PHE A 6 -11.65 -1.84 -6.77
CA PHE A 6 -11.08 -2.42 -7.98
C PHE A 6 -12.17 -2.83 -8.96
N THR A 7 -11.83 -2.84 -10.24
CA THR A 7 -12.77 -3.25 -11.28
C THR A 7 -12.25 -4.46 -12.04
N SER A 8 -11.12 -4.99 -11.60
CA SER A 8 -10.50 -6.13 -12.27
C SER A 8 -9.51 -6.84 -11.35
N ASP A 9 -9.07 -8.03 -11.75
CA ASP A 9 -8.09 -8.79 -10.98
C ASP A 9 -6.76 -8.06 -10.91
N LEU A 10 -6.40 -7.38 -12.00
CA LEU A 10 -5.18 -6.59 -12.04
C LEU A 10 -5.27 -5.40 -11.08
N SER A 11 -6.34 -4.64 -11.18
CA SER A 11 -6.54 -3.47 -10.33
C SER A 11 -6.73 -3.87 -8.87
N LYS A 12 -7.25 -5.08 -8.67
CA LYS A 12 -7.34 -5.66 -7.33
C LYS A 12 -5.95 -5.86 -6.73
N GLN A 13 -5.05 -6.46 -7.50
CA GLN A 13 -3.68 -6.66 -7.06
C GLN A 13 -2.99 -5.34 -6.80
N MET A 14 -3.27 -4.35 -7.63
CA MET A 14 -2.69 -3.02 -7.48
C MET A 14 -3.06 -2.41 -6.13
N GLU A 15 -4.32 -2.54 -5.77
CA GLU A 15 -4.79 -2.06 -4.47
C GLU A 15 -4.13 -2.83 -3.33
N GLU A 16 -3.96 -4.13 -3.52
CA GLU A 16 -3.30 -4.97 -2.53
C GLU A 16 -1.85 -4.58 -2.35
N GLU A 17 -1.21 -4.18 -3.45
CA GLU A 17 0.16 -3.69 -3.41
C GLU A 17 0.26 -2.35 -2.69
N ALA A 18 -0.77 -1.52 -2.86
CA ALA A 18 -0.85 -0.25 -2.14
C ALA A 18 -0.95 -0.48 -0.65
N VAL A 19 -1.71 -1.49 -0.25
CA VAL A 19 -1.80 -1.88 1.15
C VAL A 19 -0.45 -2.32 1.70
N ARG A 20 0.23 -3.18 0.95
CA ARG A 20 1.56 -3.64 1.32
C ARG A 20 2.52 -2.45 1.44
N LEU A 21 2.45 -1.54 0.47
CA LEU A 21 3.25 -0.32 0.51
C LEU A 21 3.03 0.44 1.81
N PHE A 22 1.76 0.62 2.17
CA PHE A 22 1.41 1.33 3.39
C PHE A 22 1.94 0.62 4.63
N ILE A 23 1.85 -0.71 4.62
CA ILE A 23 2.39 -1.52 5.70
C ILE A 23 3.88 -1.28 5.89
N GLU A 24 4.60 -1.24 4.78
CA GLU A 24 6.03 -0.96 4.80
C GLU A 24 6.31 0.45 5.30
N TRP A 25 5.40 1.37 4.99
CA TRP A 25 5.48 2.73 5.51
C TRP A 25 5.21 2.77 7.01
N LEU A 26 4.25 1.97 7.45
CA LEU A 26 3.91 1.87 8.87
C LEU A 26 5.10 1.40 9.69
N LYS A 27 5.90 0.52 9.09
CA LYS A 27 7.12 0.04 9.74
C LYS A 27 8.08 1.19 10.04
N ASN A 28 7.94 2.28 9.30
CA ASN A 28 8.78 3.46 9.48
C ASN A 28 7.98 4.63 10.01
N GLY A 29 6.87 4.34 10.69
CA GLY A 29 6.08 5.37 11.33
C GLY A 29 4.78 5.64 10.57
N GLY A 30 4.82 5.40 9.26
CA GLY A 30 3.66 5.60 8.41
C GLY A 30 3.22 7.06 8.39
N PRO A 31 1.93 7.29 8.63
CA PRO A 31 1.38 8.64 8.62
C PRO A 31 2.13 9.54 9.62
N SER A 32 2.58 8.95 10.72
CA SER A 32 3.17 9.72 11.80
C SER A 32 4.57 10.17 11.44
N SER A 33 5.12 9.60 10.37
CA SER A 33 6.44 10.00 9.89
C SER A 33 6.34 10.66 8.52
N GLY A 34 5.11 10.99 8.11
CA GLY A 34 4.88 11.68 6.84
C GLY A 34 4.72 10.68 5.70
N ALA A 35 3.88 9.68 5.92
CA ALA A 35 3.54 8.73 4.87
C ALA A 35 2.12 8.20 5.05
N PRO A 36 1.13 9.03 4.75
CA PRO A 36 -0.27 8.61 4.80
C PRO A 36 -0.55 7.49 3.82
N PRO A 37 -1.72 6.88 3.94
CA PRO A 37 -2.12 5.80 3.04
C PRO A 37 -2.06 6.27 1.58
N PRO A 38 -1.61 5.39 0.71
CA PRO A 38 -1.56 5.67 -0.73
C PRO A 38 -2.94 6.10 -1.24
N SER A 39 -2.94 7.06 -2.16
CA SER A 39 -4.18 7.55 -2.74
C SER A 39 -4.79 6.54 -3.69
N NH2 A 40 -4.59 6.74 -4.99
HN1 NH2 A 40 -4.95 6.13 -5.69
HN2 NH2 A 40 -4.04 7.53 -5.28
#